data_1XRR
#
_entry.id   1XRR
#
_cell.length_a   52.800
_cell.length_b   60.340
_cell.length_c   80.240
_cell.angle_alpha   90.00
_cell.angle_beta   90.00
_cell.angle_gamma   90.00
#
_symmetry.space_group_name_H-M   'P 21 21 21'
#
loop_
_entity.id
_entity.type
_entity.pdbx_description
1 polymer 'Proline iminopeptidase'
2 non-polymer PROLINE
3 water water
#
_entity_poly.entity_id   1
_entity_poly.type   'polypeptide(L)'
_entity_poly.pdbx_seq_one_letter_code
;MDQECIENYAKVNGIYIYYKLCKAPEEKAKLMTMHGGPGMSHDYLLSLRDMTKEGITVLFYDQFGCGRSEEPDQSKFTID
YGVEEAEALRSKLFGNEKVFLMGSSYGGALALAYAVKYQDHLKGLIVSGGLSSVPLTVKEMNRLIDELPAKYRDAIKKYG
SSGSYENPEYQEAVNYFYHQHLLRSEDWPPEVLKSLEYAERRNVYRIMNGPNEFTITGTIKDWDITDKISAIKIPTLITV
GEYDQVTPNVARVIHEKIAGSELHVFRDCSHLTMWEDREGYNKLLSDFILKHL
;
_entity_poly.pdbx_strand_id   A
#
# COMPACT_ATOMS: atom_id res chain seq x y z
N GLU A 4 17.69 9.28 12.35
CA GLU A 4 17.64 10.43 11.41
C GLU A 4 18.13 10.02 10.03
N CYS A 5 17.18 9.91 9.09
CA CYS A 5 17.48 9.55 7.69
C CYS A 5 17.57 10.86 6.92
N ILE A 6 17.96 10.79 5.66
CA ILE A 6 18.05 12.01 4.87
C ILE A 6 16.76 12.26 4.09
N GLU A 7 16.21 13.45 4.28
CA GLU A 7 14.97 13.85 3.62
C GLU A 7 15.31 14.86 2.54
N ASN A 8 14.58 14.83 1.43
CA ASN A 8 14.85 15.77 0.35
C ASN A 8 13.78 15.80 -0.75
N TYR A 9 13.88 16.81 -1.61
CA TYR A 9 12.95 16.96 -2.72
C TYR A 9 13.59 16.51 -4.03
N ALA A 10 12.90 15.63 -4.73
CA ALA A 10 13.38 15.18 -6.03
C ALA A 10 12.38 15.62 -7.08
N LYS A 11 12.87 16.27 -8.13
CA LYS A 11 12.00 16.72 -9.23
C LYS A 11 11.82 15.59 -10.23
N VAL A 12 10.62 15.01 -10.24
CA VAL A 12 10.31 13.92 -11.15
C VAL A 12 9.16 14.29 -12.06
N ASN A 13 9.33 14.06 -13.35
CA ASN A 13 8.32 14.35 -14.37
C ASN A 13 7.80 15.78 -14.31
N GLY A 14 8.63 16.69 -13.82
CA GLY A 14 8.24 18.09 -13.75
C GLY A 14 7.62 18.54 -12.43
N ILE A 15 7.70 17.69 -11.40
CA ILE A 15 7.15 18.06 -10.11
C ILE A 15 8.06 17.59 -8.99
N TYR A 16 7.89 18.17 -7.81
CA TYR A 16 8.73 17.83 -6.68
C TYR A 16 8.17 16.72 -5.84
N ILE A 17 8.99 15.70 -5.64
CA ILE A 17 8.60 14.55 -4.85
C ILE A 17 9.52 14.41 -3.63
N TYR A 18 8.93 14.42 -2.44
CA TYR A 18 9.68 14.28 -1.21
C TYR A 18 10.02 12.82 -1.00
N TYR A 19 11.22 12.53 -0.50
CA TYR A 19 11.66 11.17 -0.23
C TYR A 19 12.58 11.09 0.98
N LYS A 20 12.44 10.03 1.76
CA LYS A 20 13.25 9.82 2.94
C LYS A 20 14.06 8.54 2.77
N LEU A 21 15.37 8.71 2.73
CA LEU A 21 16.27 7.58 2.53
C LEU A 21 16.95 7.17 3.84
N CYS A 22 16.63 5.97 4.31
CA CYS A 22 17.23 5.47 5.53
C CYS A 22 18.23 4.39 5.17
N LYS A 23 19.46 4.82 4.90
CA LYS A 23 20.52 3.88 4.53
C LYS A 23 20.87 2.93 5.68
N ALA A 24 21.25 1.72 5.33
CA ALA A 24 21.64 0.73 6.32
C ALA A 24 23.16 0.72 6.44
N PRO A 25 23.69 0.74 7.68
CA PRO A 25 25.15 0.73 7.93
C PRO A 25 25.85 -0.21 6.94
N GLU A 26 25.80 -1.51 7.24
CA GLU A 26 26.43 -2.49 6.35
C GLU A 26 25.39 -2.92 5.34
N GLU A 27 24.87 -1.93 4.61
CA GLU A 27 23.84 -2.18 3.61
C GLU A 27 24.14 -3.39 2.75
N LYS A 28 23.14 -4.26 2.63
CA LYS A 28 23.26 -5.47 1.83
C LYS A 28 22.32 -5.33 0.62
N ALA A 29 21.33 -4.46 0.76
CA ALA A 29 20.38 -4.22 -0.31
C ALA A 29 19.48 -3.04 0.00
N LYS A 30 18.83 -2.54 -1.03
CA LYS A 30 17.94 -1.40 -0.88
C LYS A 30 16.48 -1.83 -1.11
N LEU A 31 15.57 -1.18 -0.39
CA LEU A 31 14.16 -1.49 -0.51
C LEU A 31 13.35 -0.22 -0.80
N MET A 32 12.69 -0.19 -1.95
CA MET A 32 11.86 0.95 -2.32
C MET A 32 10.44 0.60 -1.86
N THR A 33 9.79 1.54 -1.18
CA THR A 33 8.44 1.32 -0.65
C THR A 33 7.35 2.17 -1.33
N MET A 34 6.15 1.61 -1.42
CA MET A 34 4.97 2.26 -2.00
C MET A 34 3.80 2.22 -1.01
N HIS A 35 3.39 3.39 -0.54
CA HIS A 35 2.29 3.52 0.40
C HIS A 35 0.92 3.32 -0.29
N GLY A 36 -0.08 2.99 0.52
CA GLY A 36 -1.45 2.76 0.07
C GLY A 36 -2.24 4.03 -0.22
N GLY A 37 -3.55 3.86 -0.32
CA GLY A 37 -4.43 4.98 -0.63
C GLY A 37 -5.31 4.65 -1.83
N PRO A 38 -5.06 5.26 -3.00
CA PRO A 38 -4.00 6.23 -3.22
C PRO A 38 -4.35 7.56 -2.55
N GLY A 39 -3.34 8.34 -2.16
CA GLY A 39 -3.60 9.62 -1.52
C GLY A 39 -3.15 9.71 -0.08
N MET A 40 -2.57 8.62 0.45
CA MET A 40 -2.09 8.60 1.82
C MET A 40 -0.67 9.15 1.93
N SER A 41 0.22 8.43 2.61
CA SER A 41 1.58 8.89 2.75
C SER A 41 2.49 7.74 3.18
N HIS A 42 3.79 7.96 3.12
CA HIS A 42 4.78 6.96 3.51
C HIS A 42 4.83 6.80 5.02
N ASP A 43 4.38 7.83 5.71
CA ASP A 43 4.39 7.85 7.16
C ASP A 43 4.06 6.57 7.90
N TYR A 44 2.88 6.00 7.64
CA TYR A 44 2.46 4.76 8.31
C TYR A 44 3.30 3.53 7.97
N LEU A 45 4.35 3.73 7.18
CA LEU A 45 5.23 2.63 6.81
C LEU A 45 6.57 2.74 7.53
N LEU A 46 6.72 3.81 8.32
CA LEU A 46 7.97 4.04 9.05
C LEU A 46 8.43 2.84 9.87
N SER A 47 7.49 2.04 10.36
CA SER A 47 7.82 0.87 11.16
C SER A 47 8.87 0.00 10.48
N LEU A 48 8.85 -0.02 9.15
CA LEU A 48 9.79 -0.84 8.36
C LEU A 48 11.22 -0.33 8.49
N ARG A 49 11.39 0.89 9.00
CA ARG A 49 12.71 1.46 9.18
C ARG A 49 13.61 0.51 9.99
N ASP A 50 13.00 -0.33 10.81
CA ASP A 50 13.76 -1.26 11.64
C ASP A 50 14.61 -2.18 10.77
N MET A 51 14.30 -2.17 9.48
CA MET A 51 14.99 -3.01 8.50
C MET A 51 16.45 -2.63 8.36
N THR A 52 16.74 -1.37 8.65
CA THR A 52 18.10 -0.89 8.57
C THR A 52 19.05 -1.66 9.48
N LYS A 53 18.57 -2.04 10.66
CA LYS A 53 19.41 -2.78 11.61
C LYS A 53 19.73 -4.17 11.08
N GLU A 54 19.08 -4.53 9.97
CA GLU A 54 19.28 -5.82 9.34
C GLU A 54 20.14 -5.59 8.11
N GLY A 55 20.75 -4.43 8.02
CA GLY A 55 21.57 -4.12 6.87
C GLY A 55 20.76 -3.88 5.62
N ILE A 56 19.54 -3.39 5.81
CA ILE A 56 18.64 -3.13 4.68
C ILE A 56 18.26 -1.66 4.59
N THR A 57 18.70 -1.04 3.51
CA THR A 57 18.41 0.37 3.27
C THR A 57 16.95 0.46 2.81
N VAL A 58 16.21 1.44 3.30
CA VAL A 58 14.81 1.58 2.93
C VAL A 58 14.46 2.97 2.41
N LEU A 59 13.87 3.00 1.22
CA LEU A 59 13.48 4.25 0.56
C LEU A 59 12.01 4.52 0.72
N PHE A 60 11.69 5.58 1.44
CA PHE A 60 10.31 5.97 1.65
C PHE A 60 10.06 7.19 0.78
N TYR A 61 8.84 7.36 0.29
CA TYR A 61 8.54 8.53 -0.52
C TYR A 61 7.04 8.75 -0.71
N ASP A 62 6.63 10.02 -0.72
CA ASP A 62 5.22 10.37 -0.91
C ASP A 62 4.93 10.49 -2.39
N GLN A 63 4.10 9.59 -2.92
CA GLN A 63 3.75 9.60 -4.34
C GLN A 63 3.12 10.94 -4.69
N PHE A 64 2.91 11.17 -5.98
CA PHE A 64 2.36 12.44 -6.48
C PHE A 64 1.08 12.80 -5.76
N GLY A 65 0.96 14.08 -5.42
CA GLY A 65 -0.22 14.58 -4.73
C GLY A 65 -0.36 14.11 -3.30
N CYS A 66 0.48 13.16 -2.90
CA CYS A 66 0.42 12.66 -1.54
C CYS A 66 1.35 13.34 -0.54
N GLY A 67 0.94 13.34 0.72
CA GLY A 67 1.75 13.92 1.77
C GLY A 67 2.42 15.25 1.53
N ARG A 68 3.72 15.23 1.29
CA ARG A 68 4.50 16.43 1.08
C ARG A 68 4.82 16.73 -0.38
N SER A 69 4.46 15.84 -1.28
CA SER A 69 4.73 16.05 -2.70
C SER A 69 3.68 16.89 -3.42
N GLU A 70 4.07 17.55 -4.51
CA GLU A 70 3.11 18.38 -5.23
C GLU A 70 2.33 17.60 -6.29
N GLU A 71 1.07 17.98 -6.47
CA GLU A 71 0.20 17.31 -7.43
C GLU A 71 0.42 17.77 -8.86
N PRO A 72 0.40 16.84 -9.80
CA PRO A 72 0.58 17.21 -11.21
C PRO A 72 -0.82 17.56 -11.73
N ASP A 73 -1.02 17.42 -13.03
CA ASP A 73 -2.33 17.69 -13.59
C ASP A 73 -3.25 16.54 -13.21
N GLN A 74 -4.51 16.84 -12.92
CA GLN A 74 -5.48 15.82 -12.54
C GLN A 74 -5.59 14.67 -13.55
N SER A 75 -5.29 14.96 -14.81
CA SER A 75 -5.35 13.96 -15.87
C SER A 75 -4.27 12.88 -15.62
N LYS A 76 -3.33 13.19 -14.74
CA LYS A 76 -2.26 12.28 -14.42
C LYS A 76 -2.46 11.58 -13.08
N PHE A 77 -3.68 11.64 -12.54
CA PHE A 77 -3.95 10.94 -11.28
C PHE A 77 -4.32 9.51 -11.62
N THR A 78 -3.33 8.75 -12.09
CA THR A 78 -3.54 7.36 -12.48
C THR A 78 -2.40 6.48 -11.98
N ILE A 79 -2.66 5.18 -11.92
CA ILE A 79 -1.67 4.23 -11.50
C ILE A 79 -0.55 4.17 -12.54
N ASP A 80 -0.92 4.25 -13.82
CA ASP A 80 0.06 4.21 -14.92
C ASP A 80 1.09 5.31 -14.74
N TYR A 81 0.62 6.49 -14.34
CA TYR A 81 1.53 7.60 -14.11
C TYR A 81 2.36 7.31 -12.85
N GLY A 82 1.72 6.78 -11.81
CA GLY A 82 2.41 6.45 -10.58
C GLY A 82 3.59 5.54 -10.84
N VAL A 83 3.44 4.64 -11.79
CA VAL A 83 4.53 3.72 -12.16
C VAL A 83 5.69 4.51 -12.77
N GLU A 84 5.42 5.30 -13.78
CA GLU A 84 6.47 6.07 -14.42
C GLU A 84 7.16 6.98 -13.42
N GLU A 85 6.49 7.23 -12.30
CA GLU A 85 7.04 8.10 -11.27
C GLU A 85 8.02 7.29 -10.42
N ALA A 86 7.64 6.05 -10.14
CA ALA A 86 8.47 5.19 -9.34
C ALA A 86 9.79 4.89 -10.06
N GLU A 87 9.69 4.58 -11.35
CA GLU A 87 10.85 4.27 -12.17
C GLU A 87 11.80 5.47 -12.25
N ALA A 88 11.24 6.63 -12.59
CA ALA A 88 12.04 7.84 -12.68
C ALA A 88 12.79 8.10 -11.38
N LEU A 89 12.10 7.96 -10.25
CA LEU A 89 12.71 8.17 -8.94
C LEU A 89 13.80 7.12 -8.75
N ARG A 90 13.47 5.86 -9.06
CA ARG A 90 14.42 4.76 -8.93
C ARG A 90 15.68 5.08 -9.76
N SER A 91 15.45 5.42 -11.02
CA SER A 91 16.52 5.73 -11.96
C SER A 91 17.30 6.94 -11.54
N LYS A 92 16.61 7.93 -10.99
CA LYS A 92 17.29 9.15 -10.57
C LYS A 92 18.03 9.02 -9.26
N LEU A 93 17.45 8.28 -8.33
CA LEU A 93 18.05 8.13 -7.01
C LEU A 93 19.10 7.03 -6.91
N PHE A 94 18.94 5.97 -7.68
CA PHE A 94 19.89 4.87 -7.61
C PHE A 94 20.54 4.50 -8.94
N GLY A 95 20.07 5.11 -10.03
CA GLY A 95 20.65 4.80 -11.34
C GLY A 95 20.17 3.48 -11.93
N ASN A 96 21.13 2.60 -12.25
CA ASN A 96 20.81 1.30 -12.84
C ASN A 96 20.69 0.19 -11.79
N GLU A 97 21.21 0.45 -10.60
CA GLU A 97 21.18 -0.50 -9.50
C GLU A 97 19.77 -1.06 -9.27
N LYS A 98 19.64 -2.38 -9.36
CA LYS A 98 18.36 -3.04 -9.15
C LYS A 98 17.97 -2.90 -7.67
N VAL A 99 16.70 -3.11 -7.37
CA VAL A 99 16.24 -2.96 -6.00
C VAL A 99 15.00 -3.78 -5.70
N PHE A 100 14.75 -3.97 -4.41
CA PHE A 100 13.59 -4.70 -3.92
C PHE A 100 12.42 -3.72 -3.73
N LEU A 101 11.37 -3.91 -4.51
CA LEU A 101 10.19 -3.06 -4.42
C LEU A 101 9.12 -3.62 -3.48
N MET A 102 8.63 -2.79 -2.57
CA MET A 102 7.59 -3.21 -1.63
C MET A 102 6.36 -2.30 -1.78
N GLY A 103 5.16 -2.88 -1.77
CA GLY A 103 3.96 -2.08 -1.88
C GLY A 103 2.92 -2.45 -0.85
N SER A 104 2.36 -1.46 -0.19
CA SER A 104 1.36 -1.75 0.82
C SER A 104 -0.04 -1.27 0.37
N SER A 105 -1.03 -2.15 0.45
CA SER A 105 -2.39 -1.80 0.04
C SER A 105 -2.38 -1.33 -1.45
N TYR A 106 -2.75 -0.09 -1.71
CA TYR A 106 -2.74 0.43 -3.08
C TYR A 106 -1.30 0.40 -3.59
N GLY A 107 -0.36 0.62 -2.69
CA GLY A 107 1.05 0.59 -3.09
C GLY A 107 1.40 -0.79 -3.60
N GLY A 108 0.68 -1.78 -3.11
CA GLY A 108 0.91 -3.14 -3.56
C GLY A 108 0.40 -3.30 -4.98
N ALA A 109 -0.77 -2.73 -5.29
CA ALA A 109 -1.34 -2.84 -6.65
C ALA A 109 -0.44 -2.03 -7.58
N LEU A 110 0.04 -0.90 -7.09
CA LEU A 110 0.93 -0.05 -7.85
C LEU A 110 2.23 -0.82 -8.10
N ALA A 111 2.78 -1.40 -7.05
CA ALA A 111 4.01 -2.17 -7.17
C ALA A 111 3.84 -3.25 -8.24
N LEU A 112 2.68 -3.93 -8.24
CA LEU A 112 2.42 -4.97 -9.22
C LEU A 112 2.45 -4.40 -10.65
N ALA A 113 1.83 -3.25 -10.85
CA ALA A 113 1.80 -2.62 -12.16
C ALA A 113 3.23 -2.25 -12.57
N TYR A 114 4.03 -1.86 -11.59
CA TYR A 114 5.41 -1.50 -11.88
C TYR A 114 6.17 -2.72 -12.36
N ALA A 115 6.08 -3.81 -11.60
CA ALA A 115 6.78 -5.05 -11.95
C ALA A 115 6.47 -5.51 -13.36
N VAL A 116 5.20 -5.42 -13.75
CA VAL A 116 4.79 -5.85 -15.07
C VAL A 116 5.58 -5.16 -16.17
N LYS A 117 6.03 -3.95 -15.90
CA LYS A 117 6.78 -3.19 -16.89
C LYS A 117 8.26 -3.07 -16.61
N TYR A 118 8.62 -2.79 -15.37
CA TYR A 118 10.02 -2.63 -15.03
C TYR A 118 10.56 -3.60 -14.01
N GLN A 119 10.27 -4.90 -14.16
CA GLN A 119 10.77 -5.88 -13.19
C GLN A 119 12.26 -6.10 -13.36
N ASP A 120 12.78 -5.66 -14.50
CA ASP A 120 14.19 -5.79 -14.81
C ASP A 120 15.00 -4.92 -13.86
N HIS A 121 14.34 -3.97 -13.21
CA HIS A 121 15.03 -3.09 -12.27
C HIS A 121 14.82 -3.57 -10.85
N LEU A 122 14.19 -4.73 -10.72
CA LEU A 122 13.91 -5.31 -9.40
C LEU A 122 14.52 -6.70 -9.16
N LYS A 123 14.83 -6.97 -7.89
CA LYS A 123 15.39 -8.25 -7.50
C LYS A 123 14.32 -9.08 -6.78
N GLY A 124 13.36 -8.38 -6.18
CA GLY A 124 12.30 -9.05 -5.47
C GLY A 124 11.11 -8.13 -5.24
N LEU A 125 9.93 -8.71 -5.01
CA LEU A 125 8.70 -7.95 -4.80
C LEU A 125 7.96 -8.39 -3.54
N ILE A 126 7.62 -7.45 -2.69
CA ILE A 126 6.91 -7.75 -1.46
C ILE A 126 5.58 -7.02 -1.45
N VAL A 127 4.49 -7.77 -1.50
CA VAL A 127 3.14 -7.20 -1.51
C VAL A 127 2.40 -7.50 -0.21
N SER A 128 2.03 -6.45 0.52
CA SER A 128 1.33 -6.63 1.80
C SER A 128 -0.08 -6.01 1.76
N GLY A 129 -1.08 -6.87 1.79
CA GLY A 129 -2.44 -6.39 1.73
C GLY A 129 -2.71 -5.73 0.39
N GLY A 130 -1.94 -6.10 -0.64
CA GLY A 130 -2.10 -5.50 -1.97
C GLY A 130 -3.21 -6.13 -2.78
N LEU A 131 -3.28 -5.78 -4.07
CA LEU A 131 -4.31 -6.36 -4.93
C LEU A 131 -3.99 -6.17 -6.40
N SER A 132 -4.53 -7.04 -7.24
CA SER A 132 -4.31 -6.96 -8.68
C SER A 132 -5.64 -6.53 -9.36
N SER A 133 -6.73 -6.61 -8.60
CA SER A 133 -8.04 -6.27 -9.12
C SER A 133 -8.83 -5.49 -8.09
N VAL A 134 -9.22 -4.29 -8.45
CA VAL A 134 -10.01 -3.46 -7.55
C VAL A 134 -11.42 -4.05 -7.36
N PRO A 135 -12.11 -4.38 -8.47
CA PRO A 135 -13.46 -4.95 -8.36
C PRO A 135 -13.54 -6.11 -7.37
N LEU A 136 -12.61 -7.06 -7.48
CA LEU A 136 -12.56 -8.22 -6.58
C LEU A 136 -12.41 -7.75 -5.13
N THR A 137 -11.45 -6.85 -4.92
CA THR A 137 -11.20 -6.31 -3.59
C THR A 137 -12.48 -5.72 -3.05
N VAL A 138 -13.29 -5.14 -3.95
CA VAL A 138 -14.56 -4.53 -3.57
C VAL A 138 -15.61 -5.56 -3.16
N LYS A 139 -15.82 -6.56 -3.99
CA LYS A 139 -16.79 -7.58 -3.66
C LYS A 139 -16.47 -8.25 -2.31
N GLU A 140 -15.19 -8.48 -2.03
CA GLU A 140 -14.76 -9.12 -0.78
C GLU A 140 -15.12 -8.24 0.40
N MET A 141 -14.73 -6.97 0.32
CA MET A 141 -15.06 -6.06 1.39
C MET A 141 -16.56 -6.05 1.63
N ASN A 142 -17.36 -6.08 0.56
CA ASN A 142 -18.82 -6.07 0.73
C ASN A 142 -19.20 -7.20 1.65
N ARG A 143 -18.58 -8.37 1.45
CA ARG A 143 -18.86 -9.52 2.29
C ARG A 143 -18.51 -9.17 3.75
N LEU A 144 -17.40 -8.46 3.93
CA LEU A 144 -16.96 -8.06 5.26
C LEU A 144 -18.02 -7.17 5.88
N ILE A 145 -18.58 -6.28 5.08
CA ILE A 145 -19.59 -5.36 5.57
C ILE A 145 -20.84 -6.10 6.00
N ASP A 146 -21.28 -7.03 5.17
CA ASP A 146 -22.47 -7.79 5.49
C ASP A 146 -22.22 -8.68 6.70
N GLU A 147 -20.93 -8.85 7.02
CA GLU A 147 -20.53 -9.69 8.14
C GLU A 147 -20.47 -8.87 9.40
N LEU A 148 -20.65 -7.56 9.26
CA LEU A 148 -20.62 -6.65 10.40
C LEU A 148 -21.97 -6.58 11.12
N PRO A 149 -21.99 -5.99 12.33
CA PRO A 149 -23.25 -5.87 13.08
C PRO A 149 -24.34 -5.17 12.24
N ALA A 150 -25.56 -5.66 12.33
CA ALA A 150 -26.67 -5.08 11.57
C ALA A 150 -26.70 -3.57 11.54
N LYS A 151 -26.51 -2.93 12.69
CA LYS A 151 -26.56 -1.48 12.74
C LYS A 151 -25.51 -0.82 11.84
N TYR A 152 -24.28 -1.33 11.91
CA TYR A 152 -23.19 -0.79 11.12
C TYR A 152 -23.34 -1.16 9.66
N ARG A 153 -23.91 -2.32 9.40
CA ARG A 153 -24.12 -2.77 8.03
C ARG A 153 -25.21 -1.95 7.34
N ASP A 154 -26.30 -1.71 8.07
CA ASP A 154 -27.42 -0.95 7.52
C ASP A 154 -27.15 0.54 7.51
N ALA A 155 -26.18 0.96 8.30
CA ALA A 155 -25.83 2.37 8.35
C ALA A 155 -24.94 2.67 7.15
N ILE A 156 -24.17 1.67 6.74
CA ILE A 156 -23.25 1.81 5.61
C ILE A 156 -24.01 1.82 4.28
N LYS A 157 -25.03 0.98 4.20
CA LYS A 157 -25.85 0.87 3.01
C LYS A 157 -26.80 2.06 2.94
N LYS A 158 -27.41 2.41 4.07
CA LYS A 158 -28.33 3.53 4.11
C LYS A 158 -27.66 4.88 3.82
N TYR A 159 -26.64 5.24 4.60
CA TYR A 159 -25.98 6.52 4.40
C TYR A 159 -24.97 6.54 3.27
N GLY A 160 -24.54 5.37 2.85
CA GLY A 160 -23.60 5.29 1.76
C GLY A 160 -24.31 5.51 0.42
N SER A 161 -25.51 4.97 0.29
CA SER A 161 -26.29 5.12 -0.95
C SER A 161 -26.72 6.55 -1.17
N SER A 162 -26.56 7.36 -0.14
CA SER A 162 -26.94 8.77 -0.20
C SER A 162 -25.74 9.72 -0.26
N GLY A 163 -24.55 9.16 -0.06
CA GLY A 163 -23.35 9.97 -0.07
C GLY A 163 -23.25 10.77 1.22
N SER A 164 -24.02 10.37 2.22
CA SER A 164 -24.01 11.05 3.52
C SER A 164 -22.92 10.47 4.40
N TYR A 165 -21.68 10.54 3.93
CA TYR A 165 -20.55 9.98 4.64
C TYR A 165 -20.22 10.74 5.92
N GLU A 166 -20.74 11.96 6.04
CA GLU A 166 -20.49 12.78 7.22
C GLU A 166 -21.35 12.30 8.39
N ASN A 167 -22.44 11.61 8.04
CA ASN A 167 -23.35 11.09 9.04
C ASN A 167 -22.60 10.42 10.18
N PRO A 168 -22.93 10.80 11.43
CA PRO A 168 -22.28 10.22 12.62
C PRO A 168 -22.41 8.70 12.65
N GLU A 169 -23.61 8.20 12.40
CA GLU A 169 -23.82 6.75 12.40
C GLU A 169 -22.90 6.09 11.39
N TYR A 170 -22.84 6.66 10.19
CA TYR A 170 -21.99 6.13 9.14
C TYR A 170 -20.56 6.09 9.66
N GLN A 171 -20.14 7.20 10.27
CA GLN A 171 -18.79 7.31 10.82
C GLN A 171 -18.52 6.17 11.78
N GLU A 172 -19.47 5.88 12.65
CA GLU A 172 -19.31 4.81 13.61
C GLU A 172 -19.00 3.52 12.89
N ALA A 173 -19.85 3.17 11.93
CA ALA A 173 -19.69 1.95 11.16
C ALA A 173 -18.33 1.90 10.49
N VAL A 174 -17.81 3.05 10.08
CA VAL A 174 -16.50 3.11 9.43
C VAL A 174 -15.36 2.80 10.40
N ASN A 175 -15.33 3.53 11.51
CA ASN A 175 -14.29 3.32 12.50
C ASN A 175 -14.34 1.91 13.08
N TYR A 176 -15.54 1.35 13.22
CA TYR A 176 -15.67 0.00 13.74
C TYR A 176 -14.99 -0.97 12.77
N PHE A 177 -15.31 -0.80 11.49
CA PHE A 177 -14.78 -1.59 10.41
C PHE A 177 -13.26 -1.51 10.43
N TYR A 178 -12.72 -0.31 10.61
CA TYR A 178 -11.27 -0.09 10.64
C TYR A 178 -10.59 -0.79 11.81
N HIS A 179 -11.19 -0.65 12.98
CA HIS A 179 -10.67 -1.27 14.18
C HIS A 179 -10.88 -2.77 14.11
N GLN A 180 -11.28 -3.24 12.94
CA GLN A 180 -11.51 -4.65 12.77
C GLN A 180 -10.74 -5.23 11.58
N HIS A 181 -10.61 -4.43 10.51
CA HIS A 181 -9.94 -4.87 9.27
C HIS A 181 -8.82 -3.97 8.78
N LEU A 182 -8.69 -2.79 9.37
CA LEU A 182 -7.62 -1.89 8.99
C LEU A 182 -6.47 -2.00 9.99
N LEU A 183 -6.80 -1.88 11.27
CA LEU A 183 -5.79 -1.96 12.34
C LEU A 183 -6.51 -2.36 13.63
N ARG A 184 -6.10 -3.48 14.18
CA ARG A 184 -6.72 -4.02 15.39
C ARG A 184 -5.93 -3.68 16.66
N SER A 185 -6.09 -2.46 17.16
CA SER A 185 -5.39 -2.09 18.37
C SER A 185 -5.99 -0.87 19.04
N GLU A 186 -5.84 -0.82 20.36
CA GLU A 186 -6.38 0.26 21.18
C GLU A 186 -6.05 1.66 20.62
N ASP A 187 -4.77 2.02 20.63
CA ASP A 187 -4.33 3.32 20.12
C ASP A 187 -3.39 3.21 18.92
N TRP A 188 -3.85 3.70 17.78
CA TRP A 188 -3.05 3.69 16.57
C TRP A 188 -1.84 4.60 16.70
N PRO A 189 -0.68 4.17 16.17
CA PRO A 189 0.52 4.99 16.24
C PRO A 189 0.39 6.28 15.42
N PRO A 190 1.03 7.35 15.87
CA PRO A 190 0.97 8.64 15.19
C PRO A 190 1.28 8.53 13.70
N GLU A 191 2.22 7.66 13.35
CA GLU A 191 2.61 7.49 11.95
C GLU A 191 1.42 7.18 11.06
N VAL A 192 0.53 6.32 11.54
CA VAL A 192 -0.67 5.94 10.80
C VAL A 192 -1.64 7.11 10.70
N LEU A 193 -1.97 7.70 11.85
CA LEU A 193 -2.91 8.80 11.90
C LEU A 193 -2.53 9.96 10.98
N LYS A 194 -1.24 10.11 10.71
CA LYS A 194 -0.81 11.18 9.83
C LYS A 194 -1.07 10.86 8.36
N SER A 195 -0.91 9.59 8.00
CA SER A 195 -1.12 9.15 6.62
C SER A 195 -2.59 9.34 6.31
N LEU A 196 -3.42 9.07 7.31
CA LEU A 196 -4.85 9.22 7.17
C LEU A 196 -5.18 10.70 7.08
N GLU A 197 -4.48 11.47 7.92
CA GLU A 197 -4.64 12.92 7.96
C GLU A 197 -4.30 13.50 6.58
N TYR A 198 -3.28 12.92 5.96
CA TYR A 198 -2.85 13.40 4.65
C TYR A 198 -3.86 13.08 3.57
N ALA A 199 -4.37 11.85 3.59
CA ALA A 199 -5.36 11.41 2.62
C ALA A 199 -6.58 12.34 2.62
N GLU A 200 -6.90 12.85 3.80
CA GLU A 200 -8.04 13.73 3.93
C GLU A 200 -7.69 15.17 3.56
N ARG A 201 -6.43 15.55 3.72
CA ARG A 201 -5.98 16.90 3.40
C ARG A 201 -5.78 17.15 1.90
N ARG A 202 -5.09 16.22 1.23
CA ARG A 202 -4.84 16.34 -0.20
C ARG A 202 -6.07 15.98 -1.01
N ASN A 203 -5.93 15.99 -2.34
CA ASN A 203 -7.06 15.68 -3.24
C ASN A 203 -6.97 14.33 -3.95
N VAL A 204 -5.83 13.65 -3.85
CA VAL A 204 -5.62 12.36 -4.51
C VAL A 204 -6.56 11.26 -3.99
N TYR A 205 -6.70 11.15 -2.68
CA TYR A 205 -7.57 10.14 -2.08
C TYR A 205 -9.06 10.32 -2.48
N ARG A 206 -9.49 11.58 -2.55
CA ARG A 206 -10.86 11.88 -2.91
C ARG A 206 -11.21 11.56 -4.35
N ILE A 207 -10.27 11.75 -5.26
CA ILE A 207 -10.49 11.47 -6.69
C ILE A 207 -10.19 10.03 -7.16
N MET A 208 -9.00 9.52 -6.80
CA MET A 208 -8.56 8.18 -7.21
C MET A 208 -9.13 7.04 -6.39
N ASN A 209 -9.36 7.29 -5.10
CA ASN A 209 -9.86 6.22 -4.27
C ASN A 209 -11.32 6.38 -3.94
N GLY A 210 -11.68 7.50 -3.33
CA GLY A 210 -13.08 7.70 -2.98
C GLY A 210 -13.26 8.15 -1.56
N PRO A 211 -14.46 7.96 -0.97
CA PRO A 211 -14.77 8.36 0.41
C PRO A 211 -13.93 7.69 1.49
N ASN A 212 -13.85 6.36 1.43
CA ASN A 212 -13.12 5.60 2.45
C ASN A 212 -12.51 4.34 1.88
N GLU A 213 -11.99 3.48 2.77
CA GLU A 213 -11.38 2.21 2.37
C GLU A 213 -12.34 1.28 1.67
N PHE A 214 -13.54 1.14 2.21
CA PHE A 214 -14.51 0.22 1.65
C PHE A 214 -15.51 0.91 0.71
N THR A 215 -15.15 2.05 0.18
CA THR A 215 -16.05 2.76 -0.73
C THR A 215 -15.16 3.25 -1.87
N ILE A 216 -14.85 2.36 -2.80
CA ILE A 216 -13.98 2.70 -3.92
C ILE A 216 -14.76 3.25 -5.12
N THR A 217 -15.04 4.54 -5.09
CA THR A 217 -15.76 5.22 -6.17
C THR A 217 -14.81 6.11 -6.97
N GLY A 218 -13.53 6.08 -6.59
CA GLY A 218 -12.49 6.86 -7.26
C GLY A 218 -12.25 6.39 -8.68
N THR A 219 -11.28 6.99 -9.35
CA THR A 219 -10.98 6.61 -10.73
C THR A 219 -10.31 5.26 -10.92
N ILE A 220 -10.08 4.54 -9.82
CA ILE A 220 -9.45 3.23 -9.91
C ILE A 220 -10.48 2.13 -9.74
N LYS A 221 -11.74 2.52 -9.85
CA LYS A 221 -12.86 1.60 -9.69
C LYS A 221 -12.80 0.34 -10.55
N ASP A 222 -12.46 0.50 -11.82
CA ASP A 222 -12.44 -0.62 -12.74
C ASP A 222 -11.08 -1.27 -12.97
N TRP A 223 -10.01 -0.70 -12.39
CA TRP A 223 -8.66 -1.24 -12.58
C TRP A 223 -8.54 -2.72 -12.24
N ASP A 224 -7.87 -3.46 -13.11
CA ASP A 224 -7.70 -4.90 -12.92
C ASP A 224 -6.65 -5.46 -13.87
N ILE A 225 -5.46 -5.75 -13.34
CA ILE A 225 -4.38 -6.30 -14.14
C ILE A 225 -4.01 -7.72 -13.72
N THR A 226 -4.99 -8.45 -13.20
CA THR A 226 -4.77 -9.82 -12.77
C THR A 226 -4.21 -10.63 -13.90
N ASP A 227 -4.66 -10.30 -15.12
CA ASP A 227 -4.24 -11.00 -16.33
C ASP A 227 -2.84 -10.68 -16.79
N LYS A 228 -2.15 -9.79 -16.08
CA LYS A 228 -0.80 -9.43 -16.48
C LYS A 228 0.25 -9.77 -15.42
N ILE A 229 -0.13 -9.76 -14.15
CA ILE A 229 0.82 -10.05 -13.08
C ILE A 229 1.49 -11.42 -13.22
N SER A 230 0.93 -12.24 -14.11
CA SER A 230 1.48 -13.58 -14.37
C SER A 230 2.89 -13.53 -14.97
N ALA A 231 3.20 -12.44 -15.67
CA ALA A 231 4.49 -12.26 -16.31
C ALA A 231 5.61 -11.95 -15.31
N ILE A 232 5.28 -11.97 -14.01
CA ILE A 232 6.28 -11.68 -12.98
C ILE A 232 7.03 -12.95 -12.60
N LYS A 233 8.36 -12.91 -12.69
CA LYS A 233 9.17 -14.08 -12.35
C LYS A 233 10.08 -13.92 -11.13
N ILE A 234 10.41 -12.69 -10.78
CA ILE A 234 11.29 -12.44 -9.65
C ILE A 234 10.74 -12.97 -8.32
N PRO A 235 11.63 -13.19 -7.35
CA PRO A 235 11.20 -13.69 -6.03
C PRO A 235 10.16 -12.75 -5.43
N THR A 236 8.92 -13.24 -5.32
CA THR A 236 7.84 -12.44 -4.79
C THR A 236 7.33 -12.92 -3.43
N LEU A 237 7.11 -12.00 -2.52
CA LEU A 237 6.62 -12.33 -1.19
C LEU A 237 5.31 -11.62 -1.01
N ILE A 238 4.27 -12.37 -0.65
CA ILE A 238 2.95 -11.77 -0.44
C ILE A 238 2.49 -12.01 1.01
N THR A 239 1.97 -10.96 1.65
CA THR A 239 1.48 -11.06 3.01
C THR A 239 0.08 -10.46 3.10
N VAL A 240 -0.72 -10.96 4.04
CA VAL A 240 -2.09 -10.47 4.21
C VAL A 240 -2.59 -10.85 5.59
N GLY A 241 -3.08 -9.86 6.32
CA GLY A 241 -3.58 -10.12 7.64
C GLY A 241 -4.69 -11.15 7.58
N GLU A 242 -4.91 -11.85 8.68
CA GLU A 242 -5.97 -12.84 8.77
C GLU A 242 -7.34 -12.17 8.54
N TYR A 243 -7.49 -10.96 9.08
CA TYR A 243 -8.73 -10.18 8.97
C TYR A 243 -8.49 -8.89 8.18
N ASP A 244 -7.58 -8.94 7.22
CA ASP A 244 -7.24 -7.80 6.37
C ASP A 244 -8.41 -7.36 5.49
N GLN A 245 -8.67 -6.06 5.45
CA GLN A 245 -9.76 -5.49 4.65
C GLN A 245 -9.65 -6.00 3.19
N VAL A 246 -8.42 -6.30 2.77
CA VAL A 246 -8.18 -6.83 1.43
C VAL A 246 -7.91 -8.30 1.68
N THR A 247 -9.00 -9.03 1.93
CA THR A 247 -9.00 -10.44 2.27
C THR A 247 -7.96 -11.34 1.62
N PRO A 248 -7.57 -12.41 2.33
CA PRO A 248 -6.59 -13.38 1.85
C PRO A 248 -6.95 -13.91 0.48
N ASN A 249 -8.24 -13.88 0.13
CA ASN A 249 -8.70 -14.36 -1.19
C ASN A 249 -8.15 -13.46 -2.28
N VAL A 250 -8.05 -12.17 -1.96
CA VAL A 250 -7.50 -11.19 -2.89
C VAL A 250 -6.00 -11.42 -3.02
N ALA A 251 -5.37 -11.85 -1.94
CA ALA A 251 -3.92 -12.12 -1.92
C ALA A 251 -3.63 -13.44 -2.64
N ARG A 252 -4.56 -14.38 -2.53
CA ARG A 252 -4.41 -15.68 -3.18
C ARG A 252 -4.40 -15.54 -4.71
N VAL A 253 -5.32 -14.74 -5.23
CA VAL A 253 -5.39 -14.57 -6.68
C VAL A 253 -4.06 -14.09 -7.21
N ILE A 254 -3.37 -13.27 -6.43
CA ILE A 254 -2.07 -12.77 -6.84
C ILE A 254 -1.08 -13.92 -6.75
N HIS A 255 -0.96 -14.49 -5.56
CA HIS A 255 -0.06 -15.59 -5.31
C HIS A 255 -0.24 -16.73 -6.32
N GLU A 256 -1.42 -16.77 -6.95
CA GLU A 256 -1.74 -17.82 -7.93
C GLU A 256 -1.19 -17.49 -9.32
N LYS A 257 -0.93 -16.21 -9.56
CA LYS A 257 -0.43 -15.78 -10.85
C LYS A 257 1.09 -15.64 -10.91
N ILE A 258 1.74 -15.60 -9.74
CA ILE A 258 3.18 -15.41 -9.69
C ILE A 258 3.87 -16.65 -9.15
N ALA A 259 4.46 -17.39 -10.08
CA ALA A 259 5.17 -18.64 -9.78
C ALA A 259 6.30 -18.45 -8.79
N GLY A 260 6.37 -19.31 -7.79
CA GLY A 260 7.44 -19.19 -6.80
C GLY A 260 7.18 -18.16 -5.71
N SER A 261 6.02 -17.52 -5.76
CA SER A 261 5.67 -16.52 -4.75
C SER A 261 5.28 -17.15 -3.41
N GLU A 262 5.38 -16.40 -2.33
CA GLU A 262 5.00 -16.95 -1.03
C GLU A 262 3.81 -16.21 -0.45
N LEU A 263 2.91 -16.93 0.21
CA LEU A 263 1.74 -16.31 0.82
C LEU A 263 1.81 -16.51 2.33
N HIS A 264 1.85 -15.40 3.07
CA HIS A 264 1.91 -15.48 4.53
C HIS A 264 0.75 -14.75 5.18
N VAL A 265 -0.18 -15.52 5.74
CA VAL A 265 -1.34 -14.96 6.42
C VAL A 265 -1.05 -14.80 7.91
N PHE A 266 -0.91 -13.56 8.34
CA PHE A 266 -0.62 -13.29 9.74
C PHE A 266 -1.87 -13.38 10.60
N ARG A 267 -1.82 -14.29 11.56
CA ARG A 267 -2.91 -14.49 12.48
C ARG A 267 -3.06 -13.27 13.38
N ASP A 268 -4.30 -12.98 13.77
CA ASP A 268 -4.63 -11.85 14.65
C ASP A 268 -4.33 -10.48 14.04
N CYS A 269 -3.80 -10.49 12.81
CA CYS A 269 -3.49 -9.25 12.11
C CYS A 269 -4.54 -8.88 11.08
N SER A 270 -4.47 -7.64 10.59
CA SER A 270 -5.44 -7.19 9.59
C SER A 270 -4.74 -6.52 8.42
N HIS A 271 -4.95 -5.21 8.26
CA HIS A 271 -4.35 -4.47 7.15
C HIS A 271 -2.97 -3.92 7.49
N LEU A 272 -2.90 -3.12 8.55
CA LEU A 272 -1.63 -2.55 8.93
C LEU A 272 -0.86 -3.55 9.77
N THR A 273 -0.50 -4.67 9.16
CA THR A 273 0.23 -5.73 9.83
C THR A 273 1.62 -5.30 10.33
N MET A 274 2.21 -4.32 9.67
CA MET A 274 3.53 -3.86 10.06
C MET A 274 3.54 -3.19 11.42
N TRP A 275 2.35 -2.92 11.94
CA TRP A 275 2.26 -2.29 13.25
C TRP A 275 1.70 -3.28 14.27
N GLU A 276 0.69 -4.03 13.87
CA GLU A 276 0.06 -5.03 14.72
C GLU A 276 1.10 -6.06 15.16
N ASP A 277 1.95 -6.45 14.22
CA ASP A 277 3.00 -7.43 14.49
C ASP A 277 4.30 -6.91 13.88
N ARG A 278 4.83 -5.86 14.49
CA ARG A 278 6.05 -5.24 14.00
C ARG A 278 7.20 -6.21 13.88
N GLU A 279 7.54 -6.87 14.98
CA GLU A 279 8.64 -7.82 15.00
C GLU A 279 8.48 -8.83 13.87
N GLY A 280 7.46 -9.67 14.00
CA GLY A 280 7.18 -10.68 13.00
C GLY A 280 7.17 -10.16 11.58
N TYR A 281 6.49 -9.05 11.35
CA TYR A 281 6.43 -8.49 10.01
C TYR A 281 7.82 -8.14 9.48
N ASN A 282 8.50 -7.27 10.21
CA ASN A 282 9.85 -6.85 9.85
C ASN A 282 10.79 -8.05 9.72
N LYS A 283 10.56 -9.07 10.52
CA LYS A 283 11.41 -10.24 10.44
C LYS A 283 11.24 -10.97 9.10
N LEU A 284 10.03 -11.46 8.85
CA LEU A 284 9.74 -12.20 7.62
C LEU A 284 10.18 -11.45 6.35
N LEU A 285 10.01 -10.13 6.35
CA LEU A 285 10.39 -9.33 5.18
C LEU A 285 11.88 -9.29 4.97
N SER A 286 12.62 -9.15 6.05
CA SER A 286 14.08 -9.12 5.99
C SER A 286 14.64 -10.51 5.63
N ASP A 287 14.01 -11.55 6.14
CA ASP A 287 14.44 -12.91 5.86
C ASP A 287 14.33 -13.14 4.36
N PHE A 288 13.18 -12.78 3.80
CA PHE A 288 12.92 -12.94 2.38
C PHE A 288 14.03 -12.26 1.57
N ILE A 289 14.24 -10.98 1.84
CA ILE A 289 15.26 -10.20 1.13
C ILE A 289 16.65 -10.82 1.19
N LEU A 290 17.10 -11.15 2.40
CA LEU A 290 18.41 -11.75 2.64
C LEU A 290 18.55 -13.15 2.01
N LYS A 291 17.51 -13.59 1.31
CA LYS A 291 17.50 -14.89 0.66
C LYS A 291 17.63 -14.74 -0.85
N HIS A 292 17.53 -13.51 -1.33
CA HIS A 292 17.61 -13.29 -2.77
C HIS A 292 18.46 -12.08 -3.11
N LEU A 293 19.63 -11.97 -2.48
CA LEU A 293 20.52 -10.85 -2.75
C LEU A 293 21.03 -10.89 -4.19
N PRO B . -7.44 -0.64 -0.13
CA PRO B . -7.02 0.51 -0.91
C PRO B . -6.36 1.62 -0.08
O PRO B . -6.99 2.70 0.06
CB PRO B . -8.33 0.99 -1.54
CG PRO B . -9.34 0.63 -0.51
CD PRO B . -8.91 -0.76 -0.11
OXT PRO B . -5.23 1.41 0.43
N PRO C . -10.50 9.21 5.95
CA PRO C . -11.54 8.30 5.44
C PRO C . -12.70 8.18 6.41
O PRO C . -13.18 7.05 6.60
CB PRO C . -10.89 6.94 5.22
CG PRO C . -9.40 7.37 4.95
CD PRO C . -9.18 8.54 5.92
OXT PRO C . -13.10 9.22 6.96
#